data_9MEX
#
_entry.id   9MEX
#
_cell.length_a   148.164
_cell.length_b   148.164
_cell.length_c   148.164
_cell.angle_alpha   90.000
_cell.angle_beta   90.000
_cell.angle_gamma   90.000
#
_symmetry.space_group_name_H-M   'I 21 3'
#
loop_
_entity.id
_entity.type
_entity.pdbx_description
1 polymer 'Protein tyrosine phosphatase type IVA 1'
2 non-polymer 'SULFATE ION'
3 water water
#
_entity_poly.entity_id   1
_entity_poly.type   'polypeptide(L)'
_entity_poly.pdbx_seq_one_letter_code
;MGSSHHHHHHPAPVEVTYKNMRFLITHNPTNATLNKFIEELKKYGVTTIVRVSEATYDTTLVEKEGIHVLDWPFDAGAPP
SNQIVDDWLSLVKIKFREEPGCCIAVH(CSP)VAGLGRAPVLVALALIEGGMKYEDAVQFIRQKRRGAFNSKQLLYLEKY
RPKMRLRF
;
_entity_poly.pdbx_strand_id   A,B
#
# COMPACT_ATOMS: atom_id res chain seq x y z
N PRO A 13 20.23 7.63 1.73
CA PRO A 13 20.41 6.81 0.52
C PRO A 13 21.62 5.88 0.64
N VAL A 14 21.36 4.59 0.87
CA VAL A 14 22.42 3.61 1.09
C VAL A 14 22.44 2.66 -0.10
N GLU A 15 23.65 2.28 -0.51
CA GLU A 15 23.85 1.49 -1.73
C GLU A 15 24.59 0.20 -1.40
N VAL A 16 24.12 -0.90 -1.98
CA VAL A 16 24.66 -2.22 -1.72
C VAL A 16 25.00 -2.87 -3.04
N THR A 17 26.22 -3.41 -3.15
CA THR A 17 26.71 -3.98 -4.40
C THR A 17 27.31 -5.35 -4.12
N TYR A 18 26.99 -6.31 -4.99
CA TYR A 18 27.46 -7.68 -4.84
C TYR A 18 27.40 -8.36 -6.20
N LYS A 19 28.54 -8.84 -6.69
CA LYS A 19 28.63 -9.40 -8.03
C LYS A 19 28.04 -8.43 -9.03
N ASN A 20 27.05 -8.87 -9.81
CA ASN A 20 26.50 -8.05 -10.88
C ASN A 20 25.31 -7.22 -10.43
N MET A 21 25.05 -7.18 -9.13
CA MET A 21 23.88 -6.54 -8.55
C MET A 21 24.30 -5.26 -7.83
N ARG A 22 23.50 -4.21 -7.98
CA ARG A 22 23.68 -2.97 -7.26
C ARG A 22 22.32 -2.46 -6.84
N PHE A 23 22.16 -2.17 -5.55
CA PHE A 23 20.88 -1.79 -4.98
C PHE A 23 20.99 -0.45 -4.27
N LEU A 24 19.88 0.29 -4.30
CA LEU A 24 19.73 1.53 -3.54
C LEU A 24 18.53 1.35 -2.61
N ILE A 25 18.79 1.31 -1.31
CA ILE A 25 17.72 1.16 -0.32
C ILE A 25 17.33 2.56 0.13
N THR A 26 16.09 2.96 -0.15
CA THR A 26 15.65 4.30 0.22
C THR A 26 14.38 4.22 1.04
N HIS A 27 13.93 5.39 1.48
CA HIS A 27 12.75 5.57 2.30
C HIS A 27 11.86 6.62 1.66
N ASN A 28 10.72 6.88 2.30
CA ASN A 28 9.93 8.03 1.89
C ASN A 28 10.81 9.27 2.00
N PRO A 29 10.92 10.07 0.91
CA PRO A 29 11.77 11.28 0.95
C PRO A 29 11.68 12.08 2.25
N THR A 30 12.85 12.48 2.75
CA THR A 30 12.99 13.19 4.02
C THR A 30 12.22 14.50 4.03
N ALA A 32 14.39 16.75 -0.57
CA ALA A 32 13.34 16.39 0.38
C ALA A 32 12.03 16.10 -0.35
N THR A 33 11.81 16.76 -1.49
CA THR A 33 10.62 16.51 -2.29
C THR A 33 11.01 15.64 -3.48
N LEU A 34 10.08 15.48 -4.42
CA LEU A 34 10.27 14.55 -5.53
C LEU A 34 11.43 14.96 -6.44
N ASN A 35 11.55 16.25 -6.75
CA ASN A 35 12.53 16.67 -7.74
C ASN A 35 13.94 16.29 -7.34
N LYS A 36 14.31 16.56 -6.07
CA LYS A 36 15.61 16.11 -5.59
C LYS A 36 15.70 14.59 -5.59
N PHE A 37 14.60 13.93 -5.24
CA PHE A 37 14.58 12.46 -5.22
C PHE A 37 14.78 11.90 -6.62
N ILE A 38 14.03 12.40 -7.60
CA ILE A 38 14.17 11.94 -8.97
C ILE A 38 15.60 12.13 -9.45
N GLU A 39 16.13 13.35 -9.28
CA GLU A 39 17.48 13.65 -9.74
C GLU A 39 18.49 12.68 -9.16
N GLU A 40 18.35 12.36 -7.87
CA GLU A 40 19.29 11.45 -7.23
C GLU A 40 19.20 10.05 -7.82
N LEU A 41 17.99 9.52 -7.96
CA LEU A 41 17.82 8.18 -8.52
C LEU A 41 18.42 8.09 -9.91
N LYS A 42 18.03 9.01 -10.80
CA LYS A 42 18.58 9.03 -12.15
C LYS A 42 20.10 9.07 -12.15
N LYS A 43 20.69 9.79 -11.18
CA LYS A 43 22.14 9.88 -11.11
C LYS A 43 22.77 8.56 -10.72
N TYR A 44 22.08 7.78 -9.88
CA TYR A 44 22.57 6.49 -9.44
C TYR A 44 22.44 5.40 -10.50
N GLY A 45 21.79 5.69 -11.62
CA GLY A 45 21.57 4.66 -12.60
C GLY A 45 20.42 3.74 -12.30
N VAL A 46 19.52 4.10 -11.39
CA VAL A 46 18.40 3.21 -11.09
C VAL A 46 17.41 3.26 -12.25
N THR A 47 17.00 2.08 -12.71
CA THR A 47 16.02 1.96 -13.78
C THR A 47 14.69 1.43 -13.28
N THR A 48 14.63 1.02 -12.03
CA THR A 48 13.43 0.38 -11.49
C THR A 48 13.34 0.68 -10.01
N ILE A 49 12.13 1.03 -9.56
CA ILE A 49 11.86 1.25 -8.15
C ILE A 49 10.92 0.14 -7.71
N VAL A 50 11.30 -0.61 -6.68
CA VAL A 50 10.42 -1.59 -6.07
C VAL A 50 9.95 -1.00 -4.74
N ARG A 51 8.69 -0.58 -4.69
CA ARG A 51 8.08 -0.06 -3.47
C ARG A 51 7.33 -1.19 -2.81
N VAL A 52 7.77 -1.56 -1.59
CA VAL A 52 7.18 -2.67 -0.86
C VAL A 52 6.33 -2.17 0.29
N SER A 53 6.00 -0.88 0.31
CA SER A 53 5.18 -0.32 1.38
C SER A 53 4.35 0.82 0.81
N GLU A 54 3.53 1.39 1.68
CA GLU A 54 2.85 2.64 1.36
C GLU A 54 3.89 3.70 1.00
N ALA A 55 3.68 4.34 -0.14
CA ALA A 55 4.62 5.30 -0.72
C ALA A 55 4.08 6.72 -0.69
N THR A 56 4.98 7.69 -0.55
CA THR A 56 4.61 9.09 -0.35
C THR A 56 4.87 9.94 -1.59
N TYR A 57 4.72 9.37 -2.79
CA TYR A 57 4.91 10.17 -3.98
C TYR A 57 4.20 9.54 -5.16
N ASP A 58 3.93 10.38 -6.16
CA ASP A 58 3.16 10.00 -7.34
C ASP A 58 4.09 9.41 -8.39
N THR A 59 3.70 8.26 -8.95
CA THR A 59 4.56 7.60 -9.91
C THR A 59 4.63 8.37 -11.22
N THR A 60 3.58 9.15 -11.54
CA THR A 60 3.48 9.75 -12.87
C THR A 60 4.71 10.58 -13.21
N LEU A 61 5.21 11.35 -12.24
CA LEU A 61 6.43 12.12 -12.49
C LEU A 61 7.64 11.19 -12.57
N VAL A 62 7.66 10.13 -11.76
CA VAL A 62 8.77 9.18 -11.76
C VAL A 62 8.88 8.48 -13.11
N GLU A 63 7.75 8.00 -13.63
CA GLU A 63 7.77 7.30 -14.91
C GLU A 63 8.13 8.26 -16.05
N LYS A 64 7.62 9.50 -16.00
CA LYS A 64 7.98 10.49 -17.00
C LYS A 64 9.49 10.70 -17.03
N GLU A 65 10.14 10.58 -15.86
CA GLU A 65 11.58 10.62 -15.78
C GLU A 65 12.23 9.33 -16.30
N GLY A 66 11.45 8.29 -16.57
CA GLY A 66 11.98 7.08 -17.16
C GLY A 66 12.30 5.92 -16.23
N ILE A 67 11.75 5.91 -15.02
CA ILE A 67 12.02 4.88 -14.03
C ILE A 67 10.71 4.15 -13.73
N HIS A 68 10.63 2.88 -14.07
CA HIS A 68 9.41 2.13 -13.80
C HIS A 68 9.28 1.82 -12.32
N VAL A 69 8.09 2.02 -11.78
CA VAL A 69 7.78 1.72 -10.40
C VAL A 69 7.01 0.41 -10.37
N LEU A 70 7.42 -0.50 -9.47
CA LEU A 70 6.69 -1.73 -9.21
C LEU A 70 6.27 -1.69 -7.75
N ASP A 71 5.00 -1.97 -7.51
CA ASP A 71 4.41 -1.87 -6.17
C ASP A 71 4.11 -3.28 -5.67
N TRP A 72 5.00 -3.80 -4.83
CA TRP A 72 4.84 -5.13 -4.24
C TRP A 72 4.76 -5.01 -2.71
N PRO A 73 3.70 -4.42 -2.19
CA PRO A 73 3.66 -4.13 -0.75
C PRO A 73 3.33 -5.35 0.09
N PHE A 74 3.91 -5.38 1.28
CA PHE A 74 3.51 -6.30 2.32
C PHE A 74 3.64 -5.59 3.66
N ASP A 75 3.10 -6.22 4.71
CA ASP A 75 3.01 -5.55 5.98
C ASP A 75 4.39 -5.33 6.59
N ALA A 76 4.52 -4.23 7.31
CA ALA A 76 5.76 -3.96 8.02
C ALA A 76 6.04 -5.09 8.99
N GLY A 77 7.27 -5.62 8.94
CA GLY A 77 7.66 -6.73 9.78
C GLY A 77 7.17 -8.09 9.32
N ALA A 78 6.11 -8.16 8.51
CA ALA A 78 5.61 -9.43 8.02
C ALA A 78 6.48 -9.92 6.87
N PRO A 79 6.63 -11.25 6.72
CA PRO A 79 7.48 -11.76 5.65
C PRO A 79 6.81 -11.55 4.30
N PRO A 80 7.59 -11.40 3.24
CA PRO A 80 6.98 -11.24 1.91
C PRO A 80 6.37 -12.55 1.45
N SER A 81 5.29 -12.43 0.66
CA SER A 81 4.64 -13.62 0.14
C SER A 81 5.59 -14.38 -0.78
N ASN A 82 5.26 -15.66 -1.01
CA ASN A 82 6.05 -16.46 -1.93
C ASN A 82 6.10 -15.80 -3.31
N GLN A 83 4.97 -15.27 -3.77
CA GLN A 83 4.93 -14.63 -5.07
C GLN A 83 5.87 -13.43 -5.11
N ILE A 84 5.90 -12.63 -4.04
CA ILE A 84 6.77 -11.45 -4.03
C ILE A 84 8.23 -11.88 -4.15
N VAL A 85 8.63 -12.90 -3.38
CA VAL A 85 10.01 -13.37 -3.43
C VAL A 85 10.33 -13.92 -4.82
N ASP A 86 9.43 -14.73 -5.38
CA ASP A 86 9.65 -15.26 -6.71
C ASP A 86 9.76 -14.15 -7.75
N ASP A 87 8.87 -13.16 -7.69
CA ASP A 87 8.89 -12.07 -8.65
C ASP A 87 10.13 -11.23 -8.50
N TRP A 88 10.54 -10.98 -7.26
CA TRP A 88 11.75 -10.19 -6.99
C TRP A 88 12.98 -10.88 -7.57
N LEU A 89 13.14 -12.18 -7.30
CA LEU A 89 14.31 -12.90 -7.76
C LEU A 89 14.36 -12.97 -9.28
N SER A 90 13.21 -13.05 -9.94
CA SER A 90 13.24 -13.03 -11.39
C SER A 90 13.65 -11.65 -11.90
N LEU A 91 13.15 -10.58 -11.28
CA LEU A 91 13.54 -9.24 -11.70
C LEU A 91 15.04 -9.04 -11.54
N VAL A 92 15.59 -9.48 -10.40
CA VAL A 92 17.03 -9.39 -10.19
C VAL A 92 17.78 -10.18 -11.25
N LYS A 93 17.25 -11.34 -11.62
CA LYS A 93 17.89 -12.21 -12.60
C LYS A 93 17.90 -11.55 -13.98
N ILE A 94 16.78 -10.96 -14.39
CA ILE A 94 16.68 -10.40 -15.73
C ILE A 94 17.32 -9.02 -15.79
N LYS A 95 16.95 -8.13 -14.86
CA LYS A 95 17.27 -6.71 -15.00
C LYS A 95 18.77 -6.47 -15.11
N PHE A 96 19.56 -7.05 -14.21
CA PHE A 96 20.99 -6.79 -14.21
C PHE A 96 21.69 -7.38 -15.43
N ARG A 97 21.10 -8.40 -16.05
CA ARG A 97 21.67 -8.94 -17.29
C ARG A 97 21.28 -8.11 -18.51
N GLU A 98 20.04 -7.62 -18.56
CA GLU A 98 19.64 -6.82 -19.72
C GLU A 98 20.16 -5.39 -19.66
N GLU A 99 20.49 -4.90 -18.46
CA GLU A 99 21.01 -3.55 -18.28
C GLU A 99 22.20 -3.63 -17.34
N PRO A 100 23.34 -4.14 -17.82
CA PRO A 100 24.48 -4.32 -16.93
C PRO A 100 24.96 -2.99 -16.37
N GLY A 101 25.28 -2.98 -15.09
CA GLY A 101 25.73 -1.79 -14.42
C GLY A 101 24.62 -0.91 -13.90
N CYS A 102 23.36 -1.30 -14.06
CA CYS A 102 22.24 -0.49 -13.61
C CYS A 102 22.04 -0.68 -12.11
N CYS A 103 21.09 0.07 -11.57
CA CYS A 103 20.79 0.02 -10.14
C CYS A 103 19.31 -0.25 -9.97
N ILE A 104 18.96 -1.04 -8.96
CA ILE A 104 17.57 -1.27 -8.59
C ILE A 104 17.33 -0.63 -7.23
N ALA A 105 16.30 0.19 -7.15
CA ALA A 105 15.90 0.85 -5.91
C ALA A 105 14.78 0.07 -5.25
N VAL A 106 14.92 -0.15 -3.95
CA VAL A 106 13.88 -0.77 -3.13
C VAL A 106 13.51 0.22 -2.05
N HIS A 107 12.22 0.47 -1.92
CA HIS A 107 11.77 1.54 -1.07
C HIS A 107 10.82 1.03 -0.01
N VAL A 109 9.01 2.25 3.99
CA VAL A 109 8.54 3.44 4.67
C VAL A 109 9.75 4.01 5.40
N ALA A 110 10.38 3.18 6.23
CA ALA A 110 11.53 3.60 7.04
C ALA A 110 12.87 3.17 6.46
N GLY A 111 12.88 2.37 5.40
CA GLY A 111 14.13 1.93 4.80
C GLY A 111 14.98 1.06 5.70
N LEU A 112 14.35 0.38 6.65
CA LEU A 112 15.06 -0.43 7.63
C LEU A 112 14.63 -1.88 7.69
N GLY A 113 13.45 -2.22 7.14
CA GLY A 113 12.95 -3.57 7.28
C GLY A 113 12.63 -4.27 5.97
N ARG A 114 11.49 -3.91 5.37
CA ARG A 114 11.03 -4.64 4.20
C ARG A 114 12.02 -4.49 3.04
N ALA A 115 12.52 -3.27 2.80
CA ALA A 115 13.44 -3.10 1.68
C ALA A 115 14.76 -3.84 1.92
N PRO A 116 15.44 -3.70 3.06
CA PRO A 116 16.65 -4.52 3.25
C PRO A 116 16.37 -6.01 3.22
N VAL A 117 15.18 -6.46 3.61
CA VAL A 117 14.89 -7.89 3.61
C VAL A 117 14.97 -8.45 2.18
N LEU A 118 14.36 -7.74 1.22
CA LEU A 118 14.47 -8.17 -0.17
C LEU A 118 15.91 -8.20 -0.64
N VAL A 119 16.67 -7.14 -0.31
CA VAL A 119 18.08 -7.09 -0.70
C VAL A 119 18.84 -8.25 -0.08
N ALA A 120 18.51 -8.60 1.18
CA ALA A 120 19.13 -9.75 1.80
C ALA A 120 18.83 -11.04 1.02
N LEU A 121 17.60 -11.18 0.52
CA LEU A 121 17.24 -12.37 -0.24
C LEU A 121 18.02 -12.42 -1.56
N ALA A 122 18.23 -11.26 -2.18
CA ALA A 122 19.08 -11.23 -3.38
C ALA A 122 20.50 -11.68 -3.06
N LEU A 123 21.04 -11.22 -1.93
CA LEU A 123 22.40 -11.60 -1.54
C LEU A 123 22.50 -13.08 -1.22
N ILE A 124 21.47 -13.62 -0.56
CA ILE A 124 21.50 -15.03 -0.18
C ILE A 124 21.44 -15.90 -1.43
N GLU A 125 20.51 -15.61 -2.33
CA GLU A 125 20.41 -16.34 -3.59
C GLU A 125 21.63 -16.12 -4.47
N GLY A 126 22.43 -15.11 -4.19
CA GLY A 126 23.69 -14.86 -4.86
C GLY A 126 24.88 -15.56 -4.26
N GLY A 127 24.67 -16.37 -3.21
CA GLY A 127 25.73 -17.18 -2.62
C GLY A 127 26.00 -16.92 -1.14
N MET A 128 25.51 -15.82 -0.58
CA MET A 128 25.79 -15.53 0.81
C MET A 128 24.89 -16.36 1.73
N LYS A 129 25.45 -16.79 2.86
CA LYS A 129 24.61 -17.26 3.95
C LYS A 129 23.92 -16.05 4.59
N TYR A 130 22.81 -16.32 5.28
CA TYR A 130 21.97 -15.22 5.76
C TYR A 130 22.72 -14.30 6.72
N GLU A 131 23.65 -14.83 7.51
CA GLU A 131 24.36 -13.96 8.44
C GLU A 131 25.32 -13.05 7.70
N ASP A 132 25.92 -13.53 6.61
CA ASP A 132 26.75 -12.66 5.78
C ASP A 132 25.94 -11.53 5.19
N ALA A 133 24.74 -11.84 4.69
CA ALA A 133 23.89 -10.81 4.08
C ALA A 133 23.44 -9.78 5.11
N VAL A 134 23.04 -10.23 6.29
CA VAL A 134 22.64 -9.30 7.35
C VAL A 134 23.77 -8.32 7.63
N GLN A 135 24.99 -8.84 7.82
CA GLN A 135 26.12 -7.96 8.11
C GLN A 135 26.45 -7.09 6.90
N PHE A 136 26.31 -7.65 5.70
CA PHE A 136 26.59 -6.86 4.50
C PHE A 136 25.68 -5.65 4.41
N ILE A 137 24.40 -5.82 4.72
CA ILE A 137 23.49 -4.69 4.67
C ILE A 137 23.64 -3.79 5.88
N ARG A 138 23.84 -4.37 7.06
CA ARG A 138 24.00 -3.55 8.25
C ARG A 138 25.24 -2.68 8.15
N GLN A 139 26.25 -3.11 7.40
CA GLN A 139 27.42 -2.26 7.16
C GLN A 139 27.03 -0.96 6.46
N LYS A 140 26.05 -1.02 5.56
CA LYS A 140 25.61 0.18 4.86
C LYS A 140 24.44 0.87 5.56
N ARG A 141 23.54 0.12 6.19
CA ARG A 141 22.36 0.68 6.84
C ARG A 141 22.28 0.10 8.25
N ARG A 142 22.85 0.79 9.23
CA ARG A 142 22.90 0.23 10.57
C ARG A 142 21.51 0.21 11.21
N GLY A 143 21.28 -0.82 12.02
CA GLY A 143 20.00 -1.01 12.65
C GLY A 143 18.93 -1.57 11.75
N ALA A 144 19.29 -2.09 10.59
CA ALA A 144 18.33 -2.77 9.74
C ALA A 144 17.97 -4.12 10.34
N PHE A 145 16.76 -4.60 10.01
CA PHE A 145 16.25 -5.91 10.42
C PHE A 145 15.87 -5.94 11.89
N ASN A 146 14.62 -6.29 12.19
CA ASN A 146 14.21 -6.56 13.56
C ASN A 146 14.32 -8.05 13.84
N SER A 147 13.94 -8.46 15.06
CA SER A 147 14.10 -9.86 15.45
C SER A 147 13.25 -10.78 14.61
N LYS A 148 11.99 -10.40 14.36
CA LYS A 148 11.11 -11.21 13.53
C LYS A 148 11.71 -11.39 12.13
N GLN A 149 12.33 -10.33 11.60
CA GLN A 149 12.87 -10.36 10.25
C GLN A 149 14.18 -11.15 10.17
N LEU A 150 15.03 -11.03 11.19
CA LEU A 150 16.24 -11.84 11.24
C LEU A 150 15.90 -13.33 11.28
N LEU A 151 14.87 -13.71 12.04
CA LEU A 151 14.48 -15.12 12.10
C LEU A 151 13.99 -15.60 10.73
N TYR A 152 13.26 -14.75 10.02
CA TYR A 152 12.82 -15.11 8.68
C TYR A 152 14.01 -15.38 7.77
N LEU A 153 15.01 -14.50 7.81
CA LEU A 153 16.19 -14.71 6.99
C LEU A 153 16.96 -15.94 7.41
N GLU A 154 17.01 -16.23 8.72
CA GLU A 154 17.68 -17.43 9.17
C GLU A 154 16.99 -18.69 8.66
N LYS A 155 15.65 -18.71 8.73
CA LYS A 155 14.91 -19.90 8.32
C LYS A 155 14.78 -20.02 6.81
N TYR A 156 15.04 -18.96 6.05
CA TYR A 156 14.80 -19.00 4.62
C TYR A 156 15.67 -20.06 3.95
N ARG A 157 15.06 -20.81 3.03
CA ARG A 157 15.72 -21.93 2.34
C ARG A 157 15.82 -21.57 0.87
N PRO A 158 17.02 -21.32 0.35
CA PRO A 158 17.15 -20.71 -0.97
C PRO A 158 16.90 -21.66 -2.13
N LYS A 159 16.30 -21.11 -3.20
CA LYS A 159 16.11 -21.86 -4.44
C LYS A 159 17.44 -22.14 -5.14
N MET A 160 18.43 -21.26 -4.95
CA MET A 160 19.79 -21.43 -5.48
C MET A 160 19.79 -21.58 -7.00
N ARG A 161 19.06 -20.70 -7.69
CA ARG A 161 18.95 -20.80 -9.14
C ARG A 161 19.53 -19.63 -9.90
N LEU A 162 20.07 -18.63 -9.22
CA LEU A 162 20.79 -17.56 -9.89
C LEU A 162 22.14 -18.05 -10.39
N ARG A 163 22.52 -17.62 -11.59
CA ARG A 163 23.78 -18.02 -12.18
C ARG A 163 24.66 -16.80 -12.44
N PHE A 164 25.94 -16.94 -12.16
CA PHE A 164 26.90 -15.83 -12.27
C PHE A 164 28.14 -16.19 -13.07
N PRO B 13 -24.69 -0.87 9.93
CA PRO B 13 -23.45 -1.53 9.49
C PRO B 13 -23.66 -2.48 8.30
N VAL B 14 -23.31 -2.00 7.10
CA VAL B 14 -23.53 -2.73 5.85
C VAL B 14 -22.18 -3.07 5.22
N GLU B 15 -22.14 -4.21 4.52
CA GLU B 15 -20.91 -4.74 3.96
C GLU B 15 -21.05 -4.85 2.44
N VAL B 16 -20.01 -4.40 1.72
CA VAL B 16 -19.99 -4.41 0.26
C VAL B 16 -18.68 -5.03 -0.20
N THR B 17 -18.77 -5.99 -1.11
CA THR B 17 -17.62 -6.72 -1.60
C THR B 17 -17.63 -6.83 -3.13
N TYR B 18 -16.44 -6.68 -3.72
CA TYR B 18 -16.30 -6.69 -5.17
C TYR B 18 -14.89 -7.12 -5.49
N LYS B 19 -14.76 -8.20 -6.24
CA LYS B 19 -13.46 -8.77 -6.53
C LYS B 19 -12.72 -8.99 -5.21
N ASN B 20 -11.53 -8.41 -5.08
CA ASN B 20 -10.70 -8.62 -3.91
C ASN B 20 -10.91 -7.54 -2.84
N MET B 21 -11.90 -6.67 -3.01
CA MET B 21 -12.12 -5.56 -2.09
C MET B 21 -13.35 -5.84 -1.24
N ARG B 22 -13.26 -5.52 0.04
CA ARG B 22 -14.41 -5.65 0.93
C ARG B 22 -14.45 -4.42 1.82
N PHE B 23 -15.61 -3.77 1.85
CA PHE B 23 -15.81 -2.52 2.57
C PHE B 23 -16.92 -2.67 3.60
N LEU B 24 -16.78 -1.92 4.70
CA LEU B 24 -17.79 -1.85 5.77
C LEU B 24 -18.25 -0.40 5.91
N ILE B 25 -19.50 -0.13 5.56
CA ILE B 25 -20.07 1.20 5.71
C ILE B 25 -20.85 1.26 7.03
N THR B 26 -20.37 2.09 7.94
CA THR B 26 -21.00 2.29 9.25
C THR B 26 -21.21 3.78 9.50
N HIS B 27 -21.62 4.15 10.70
CA HIS B 27 -21.91 5.54 11.02
C HIS B 27 -21.03 5.99 12.18
N ASN B 28 -21.15 7.28 12.50
CA ASN B 28 -20.45 7.82 13.66
C ASN B 28 -20.88 7.09 14.92
N PRO B 29 -19.96 6.54 15.69
CA PRO B 29 -20.32 5.93 16.98
C PRO B 29 -20.01 6.87 18.14
N THR B 30 -20.90 6.96 19.12
CA THR B 30 -20.70 7.85 20.27
C THR B 30 -19.42 7.48 21.02
N ASN B 31 -18.95 8.44 21.83
CA ASN B 31 -17.77 8.22 22.66
C ASN B 31 -18.00 7.18 23.76
N ALA B 32 -19.20 6.61 23.85
CA ALA B 32 -19.54 5.63 24.88
C ALA B 32 -19.53 4.19 24.38
N THR B 33 -19.75 3.98 23.09
CA THR B 33 -19.81 2.65 22.52
C THR B 33 -18.51 2.19 21.84
N LEU B 34 -17.35 2.76 22.22
CA LEU B 34 -16.10 2.41 21.51
C LEU B 34 -15.76 0.95 21.67
N ASN B 35 -15.88 0.43 22.89
CA ASN B 35 -15.50 -0.96 23.13
C ASN B 35 -16.37 -1.90 22.32
N LYS B 36 -17.69 -1.67 22.32
CA LYS B 36 -18.57 -2.46 21.48
C LYS B 36 -18.31 -2.20 20.00
N PHE B 37 -18.03 -0.94 19.63
CA PHE B 37 -17.78 -0.60 18.23
C PHE B 37 -16.52 -1.27 17.70
N ILE B 38 -15.42 -1.16 18.45
CA ILE B 38 -14.17 -1.80 18.02
C ILE B 38 -14.36 -3.30 17.89
N GLU B 39 -14.96 -3.93 18.91
CA GLU B 39 -15.13 -5.38 18.89
C GLU B 39 -15.88 -5.83 17.64
N GLU B 40 -16.91 -5.08 17.23
CA GLU B 40 -17.63 -5.44 16.02
C GLU B 40 -16.73 -5.32 14.80
N LEU B 41 -16.00 -4.21 14.71
CA LEU B 41 -15.05 -4.02 13.62
C LEU B 41 -14.00 -5.12 13.63
N LYS B 42 -13.37 -5.35 14.79
CA LYS B 42 -12.38 -6.41 14.90
C LYS B 42 -12.93 -7.74 14.39
N LYS B 43 -14.22 -8.00 14.63
CA LYS B 43 -14.83 -9.24 14.16
C LYS B 43 -14.97 -9.24 12.64
N TYR B 44 -15.26 -8.08 12.05
CA TYR B 44 -15.43 -7.96 10.60
C TYR B 44 -14.11 -8.01 9.84
N GLY B 45 -12.98 -8.02 10.53
CA GLY B 45 -11.69 -8.01 9.88
C GLY B 45 -11.20 -6.68 9.38
N VAL B 46 -11.80 -5.57 9.81
CA VAL B 46 -11.35 -4.26 9.35
C VAL B 46 -10.05 -3.91 10.06
N THR B 47 -9.05 -3.50 9.28
CA THR B 47 -7.76 -3.06 9.77
C THR B 47 -7.55 -1.56 9.55
N THR B 48 -8.48 -0.89 8.87
CA THR B 48 -8.33 0.53 8.56
C THR B 48 -9.71 1.17 8.56
N ILE B 49 -9.81 2.31 9.23
CA ILE B 49 -11.03 3.11 9.25
C ILE B 49 -10.74 4.42 8.52
N VAL B 50 -11.58 4.75 7.55
CA VAL B 50 -11.52 6.04 6.90
C VAL B 50 -12.69 6.86 7.41
N ARG B 51 -12.40 7.88 8.21
CA ARG B 51 -13.40 8.79 8.72
C ARG B 51 -13.51 9.97 7.76
N VAL B 52 -14.69 10.13 7.15
CA VAL B 52 -14.93 11.15 6.14
C VAL B 52 -15.75 12.32 6.69
N SER B 53 -15.81 12.47 8.00
CA SER B 53 -16.58 13.54 8.63
C SER B 53 -15.81 14.05 9.83
N GLU B 54 -16.38 15.05 10.49
CA GLU B 54 -15.84 15.52 11.75
C GLU B 54 -15.68 14.34 12.71
N ALA B 55 -14.56 14.30 13.42
CA ALA B 55 -14.21 13.11 14.18
C ALA B 55 -14.88 13.18 15.55
N THR B 56 -15.47 12.06 15.97
CA THR B 56 -16.31 12.02 17.16
C THR B 56 -15.78 11.11 18.26
N TYR B 57 -14.49 10.78 18.24
CA TYR B 57 -13.90 9.93 19.28
C TYR B 57 -12.39 9.98 19.14
N ASP B 58 -11.71 9.50 20.17
CA ASP B 58 -10.25 9.54 20.23
C ASP B 58 -9.69 8.33 19.49
N THR B 59 -8.76 8.58 18.57
CA THR B 59 -8.21 7.50 17.74
C THR B 59 -7.20 6.63 18.48
N THR B 60 -6.51 7.18 19.47
CA THR B 60 -5.39 6.47 20.08
C THR B 60 -5.80 5.10 20.61
N LEU B 61 -7.02 5.00 21.14
CA LEU B 61 -7.49 3.70 21.62
C LEU B 61 -7.70 2.74 20.45
N VAL B 62 -8.25 3.23 19.35
CA VAL B 62 -8.45 2.39 18.18
C VAL B 62 -7.09 1.95 17.62
N GLU B 63 -6.14 2.89 17.53
CA GLU B 63 -4.83 2.56 16.98
C GLU B 63 -4.11 1.56 17.88
N LYS B 64 -4.22 1.73 19.19
CA LYS B 64 -3.66 0.73 20.11
C LYS B 64 -4.31 -0.62 19.92
N GLU B 65 -5.60 -0.66 19.59
CA GLU B 65 -6.29 -1.91 19.30
C GLU B 65 -5.86 -2.53 17.97
N GLY B 66 -5.11 -1.82 17.14
CA GLY B 66 -4.58 -2.37 15.90
C GLY B 66 -5.33 -2.00 14.64
N ILE B 67 -6.16 -0.96 14.68
CA ILE B 67 -6.93 -0.53 13.52
C ILE B 67 -6.49 0.89 13.19
N HIS B 68 -5.87 1.06 12.03
CA HIS B 68 -5.38 2.37 11.63
C HIS B 68 -6.54 3.27 11.24
N VAL B 69 -6.56 4.49 11.78
CA VAL B 69 -7.61 5.46 11.48
C VAL B 69 -7.06 6.51 10.53
N LEU B 70 -7.82 6.83 9.49
CA LEU B 70 -7.50 7.91 8.58
C LEU B 70 -8.64 8.92 8.58
N ASP B 71 -8.30 10.19 8.72
CA ASP B 71 -9.28 11.27 8.82
C ASP B 71 -9.23 12.14 7.58
N TRP B 72 -10.12 11.87 6.62
CA TRP B 72 -10.21 12.64 5.39
C TRP B 72 -11.60 13.25 5.27
N PRO B 73 -11.95 14.20 6.13
CA PRO B 73 -13.32 14.71 6.14
C PRO B 73 -13.54 15.68 5.00
N PHE B 74 -14.78 15.66 4.48
CA PHE B 74 -15.26 16.70 3.57
C PHE B 74 -16.73 16.95 3.85
N ASP B 75 -17.27 18.02 3.26
CA ASP B 75 -18.62 18.47 3.58
C ASP B 75 -19.68 17.49 3.09
N ALA B 76 -20.78 17.40 3.85
CA ALA B 76 -21.92 16.59 3.46
C ALA B 76 -22.47 17.05 2.11
N GLY B 77 -22.65 16.10 1.19
CA GLY B 77 -23.14 16.38 -0.14
C GLY B 77 -22.10 16.95 -1.09
N ALA B 78 -21.05 17.58 -0.58
CA ALA B 78 -20.01 18.13 -1.43
C ALA B 78 -19.10 17.00 -1.91
N PRO B 79 -18.58 17.09 -3.13
CA PRO B 79 -17.69 16.05 -3.62
C PRO B 79 -16.34 16.12 -2.92
N PRO B 80 -15.65 15.00 -2.76
CA PRO B 80 -14.35 15.04 -2.10
C PRO B 80 -13.31 15.68 -3.00
N SER B 81 -12.32 16.31 -2.37
CA SER B 81 -11.26 16.97 -3.09
C SER B 81 -10.49 15.96 -3.93
N ASN B 82 -9.72 16.49 -4.88
CA ASN B 82 -8.84 15.62 -5.65
C ASN B 82 -7.94 14.83 -4.72
N GLN B 83 -7.33 15.52 -3.75
CA GLN B 83 -6.38 14.85 -2.85
C GLN B 83 -7.02 13.69 -2.12
N ILE B 84 -8.25 13.85 -1.64
CA ILE B 84 -8.91 12.78 -0.91
C ILE B 84 -9.14 11.57 -1.82
N VAL B 85 -9.64 11.83 -3.03
CA VAL B 85 -9.89 10.73 -3.96
C VAL B 85 -8.60 10.03 -4.32
N ASP B 86 -7.55 10.79 -4.60
CA ASP B 86 -6.24 10.19 -4.89
C ASP B 86 -5.74 9.34 -3.73
N ASP B 87 -5.88 9.84 -2.50
CA ASP B 87 -5.45 9.08 -1.33
C ASP B 87 -6.33 7.84 -1.13
N TRP B 88 -7.64 7.98 -1.30
CA TRP B 88 -8.53 6.84 -1.11
C TRP B 88 -8.22 5.71 -2.08
N LEU B 89 -8.13 6.03 -3.37
CA LEU B 89 -7.83 4.99 -4.35
C LEU B 89 -6.46 4.38 -4.10
N SER B 90 -5.53 5.16 -3.56
CA SER B 90 -4.23 4.62 -3.22
C SER B 90 -4.34 3.64 -2.04
N LEU B 91 -5.15 3.98 -1.03
CA LEU B 91 -5.38 3.06 0.07
C LEU B 91 -6.04 1.78 -0.42
N VAL B 92 -7.05 1.92 -1.27
CA VAL B 92 -7.74 0.75 -1.83
C VAL B 92 -6.76 -0.13 -2.58
N LYS B 93 -5.81 0.48 -3.28
CA LYS B 93 -4.85 -0.29 -4.08
C LYS B 93 -3.92 -1.11 -3.19
N ILE B 94 -3.37 -0.50 -2.16
CA ILE B 94 -2.33 -1.15 -1.36
C ILE B 94 -2.93 -2.16 -0.39
N LYS B 95 -3.92 -1.73 0.40
CA LYS B 95 -4.35 -2.48 1.58
C LYS B 95 -4.81 -3.88 1.20
N PHE B 96 -5.71 -4.00 0.23
CA PHE B 96 -6.24 -5.30 -0.13
C PHE B 96 -5.18 -6.19 -0.78
N ARG B 97 -4.13 -5.61 -1.35
CA ARG B 97 -3.06 -6.41 -1.93
C ARG B 97 -2.11 -6.92 -0.85
N GLU B 98 -1.74 -6.06 0.11
CA GLU B 98 -0.82 -6.46 1.15
C GLU B 98 -1.48 -7.26 2.27
N GLU B 99 -2.80 -7.16 2.42
CA GLU B 99 -3.54 -7.90 3.44
C GLU B 99 -4.76 -8.55 2.81
N PRO B 100 -4.58 -9.65 2.08
CA PRO B 100 -5.71 -10.26 1.40
C PRO B 100 -6.78 -10.73 2.38
N GLY B 101 -8.04 -10.48 2.02
CA GLY B 101 -9.16 -10.86 2.84
C GLY B 101 -9.56 -9.86 3.90
N CYS B 102 -8.88 -8.72 3.97
CA CYS B 102 -9.18 -7.73 4.99
C CYS B 102 -10.38 -6.89 4.57
N CYS B 103 -10.81 -6.01 5.47
CA CYS B 103 -11.94 -5.10 5.25
C CYS B 103 -11.49 -3.69 5.56
N ILE B 104 -11.96 -2.72 4.79
CA ILE B 104 -11.75 -1.30 5.09
C ILE B 104 -13.10 -0.73 5.48
N ALA B 105 -13.15 -0.09 6.64
CA ALA B 105 -14.37 0.55 7.11
C ALA B 105 -14.28 2.04 6.81
N VAL B 106 -15.33 2.58 6.22
CA VAL B 106 -15.45 4.01 5.98
C VAL B 106 -16.76 4.49 6.58
N HIS B 107 -16.70 5.49 7.46
CA HIS B 107 -17.92 5.99 8.08
C HIS B 107 -17.99 7.51 8.14
N VAL B 109 -21.17 10.73 9.28
CA VAL B 109 -22.21 10.96 10.29
C VAL B 109 -23.40 10.01 10.12
N ALA B 110 -24.01 10.02 8.94
CA ALA B 110 -25.22 9.23 8.70
C ALA B 110 -24.98 7.96 7.91
N GLY B 111 -23.79 7.76 7.36
CA GLY B 111 -23.53 6.54 6.60
C GLY B 111 -24.36 6.38 5.34
N LEU B 112 -24.82 7.47 4.75
CA LEU B 112 -25.67 7.42 3.56
C LEU B 112 -25.14 8.22 2.38
N GLY B 113 -24.16 9.11 2.59
CA GLY B 113 -23.67 9.96 1.52
C GLY B 113 -22.17 9.87 1.30
N ARG B 114 -21.40 10.50 2.19
CA ARG B 114 -19.96 10.62 1.96
C ARG B 114 -19.27 9.25 1.93
N ALA B 115 -19.62 8.37 2.87
CA ALA B 115 -18.98 7.06 2.90
C ALA B 115 -19.36 6.19 1.71
N PRO B 116 -20.63 6.00 1.36
CA PRO B 116 -20.92 5.20 0.16
C PRO B 116 -20.33 5.77 -1.11
N VAL B 117 -20.15 7.10 -1.19
CA VAL B 117 -19.57 7.69 -2.39
C VAL B 117 -18.15 7.19 -2.60
N LEU B 118 -17.35 7.17 -1.52
CA LEU B 118 -16.00 6.64 -1.62
C LEU B 118 -16.00 5.19 -2.07
N VAL B 119 -16.88 4.39 -1.48
CA VAL B 119 -16.99 2.98 -1.87
C VAL B 119 -17.40 2.85 -3.33
N ALA B 120 -18.33 3.69 -3.77
CA ALA B 120 -18.74 3.67 -5.17
C ALA B 120 -17.57 3.99 -6.08
N LEU B 121 -16.70 4.92 -5.67
CA LEU B 121 -15.54 5.26 -6.49
C LEU B 121 -14.58 4.08 -6.61
N ALA B 122 -14.39 3.31 -5.52
CA ALA B 122 -13.59 2.10 -5.62
C ALA B 122 -14.24 1.11 -6.56
N LEU B 123 -15.57 1.00 -6.51
CA LEU B 123 -16.28 0.07 -7.39
C LEU B 123 -16.15 0.50 -8.84
N ILE B 124 -16.24 1.81 -9.09
CA ILE B 124 -16.15 2.32 -10.46
C ILE B 124 -14.73 2.14 -11.01
N GLU B 125 -13.73 2.54 -10.23
CA GLU B 125 -12.35 2.36 -10.65
C GLU B 125 -11.97 0.89 -10.76
N GLY B 126 -12.77 0.01 -10.15
CA GLY B 126 -12.60 -1.41 -10.28
C GLY B 126 -13.30 -2.00 -11.48
N GLY B 127 -13.96 -1.18 -12.30
CA GLY B 127 -14.56 -1.65 -13.53
C GLY B 127 -16.05 -1.46 -13.63
N MET B 128 -16.74 -1.19 -12.54
CA MET B 128 -18.18 -1.07 -12.58
C MET B 128 -18.58 0.27 -13.18
N LYS B 129 -19.65 0.27 -13.98
CA LYS B 129 -20.24 1.53 -14.39
C LYS B 129 -20.93 2.18 -13.19
N TYR B 130 -21.07 3.51 -13.25
CA TYR B 130 -21.55 4.22 -12.07
C TYR B 130 -22.97 3.79 -11.68
N GLU B 131 -23.80 3.41 -12.66
CA GLU B 131 -25.16 2.99 -12.31
C GLU B 131 -25.15 1.61 -11.66
N ASP B 132 -24.27 0.71 -12.13
CA ASP B 132 -24.15 -0.59 -11.48
C ASP B 132 -23.71 -0.45 -10.02
N ALA B 133 -22.75 0.43 -9.78
CA ALA B 133 -22.21 0.63 -8.43
C ALA B 133 -23.26 1.19 -7.49
N VAL B 134 -24.03 2.19 -7.94
CA VAL B 134 -25.09 2.75 -7.11
C VAL B 134 -26.06 1.65 -6.70
N GLN B 135 -26.49 0.84 -7.66
CA GLN B 135 -27.42 -0.24 -7.36
C GLN B 135 -26.77 -1.30 -6.48
N PHE B 136 -25.49 -1.57 -6.71
CA PHE B 136 -24.77 -2.53 -5.87
C PHE B 136 -24.77 -2.09 -4.42
N ILE B 137 -24.58 -0.80 -4.18
CA ILE B 137 -24.56 -0.27 -2.82
C ILE B 137 -25.98 -0.11 -2.26
N ARG B 138 -26.91 0.38 -3.08
CA ARG B 138 -28.28 0.58 -2.61
C ARG B 138 -28.95 -0.74 -2.23
N GLN B 139 -28.55 -1.85 -2.86
CA GLN B 139 -29.03 -3.15 -2.40
C GLN B 139 -28.59 -3.44 -0.96
N LYS B 140 -27.40 -2.98 -0.59
CA LYS B 140 -26.91 -3.22 0.76
C LYS B 140 -27.31 -2.11 1.73
N ARG B 141 -27.33 -0.86 1.28
CA ARG B 141 -27.67 0.28 2.13
C ARG B 141 -28.74 1.08 1.41
N ARG B 142 -29.99 0.86 1.79
CA ARG B 142 -31.10 1.49 1.10
C ARG B 142 -31.08 3.00 1.34
N GLY B 143 -31.46 3.76 0.31
CA GLY B 143 -31.50 5.21 0.42
C GLY B 143 -30.16 5.92 0.38
N ALA B 144 -29.10 5.24 -0.04
CA ALA B 144 -27.82 5.91 -0.18
C ALA B 144 -27.82 6.86 -1.39
N PHE B 145 -26.98 7.90 -1.29
CA PHE B 145 -26.76 8.90 -2.33
C PHE B 145 -27.95 9.85 -2.51
N ASN B 146 -27.67 11.16 -2.47
CA ASN B 146 -28.65 12.17 -2.86
C ASN B 146 -28.44 12.54 -4.32
N SER B 147 -29.26 13.49 -4.82
CA SER B 147 -29.20 13.88 -6.22
C SER B 147 -27.84 14.50 -6.56
N LYS B 148 -27.33 15.37 -5.69
CA LYS B 148 -26.03 15.99 -5.93
C LYS B 148 -24.93 14.93 -6.06
N GLN B 149 -25.02 13.88 -5.24
CA GLN B 149 -24.01 12.83 -5.25
C GLN B 149 -24.17 11.91 -6.45
N LEU B 150 -25.42 11.59 -6.81
CA LEU B 150 -25.66 10.82 -8.02
C LEU B 150 -25.13 11.54 -9.25
N LEU B 151 -25.35 12.86 -9.31
CA LEU B 151 -24.83 13.63 -10.42
C LEU B 151 -23.30 13.62 -10.43
N TYR B 152 -22.68 13.74 -9.26
CA TYR B 152 -21.23 13.66 -9.17
C TYR B 152 -20.74 12.32 -9.68
N LEU B 153 -21.39 11.24 -9.28
CA LEU B 153 -20.99 9.91 -9.75
C LEU B 153 -21.22 9.75 -11.24
N GLU B 154 -22.26 10.38 -11.79
CA GLU B 154 -22.49 10.31 -13.22
C GLU B 154 -21.35 10.95 -13.99
N LYS B 155 -20.88 12.11 -13.53
CA LYS B 155 -19.82 12.83 -14.24
C LYS B 155 -18.44 12.24 -14.01
N TYR B 156 -18.26 11.42 -12.97
CA TYR B 156 -16.92 10.97 -12.59
C TYR B 156 -16.26 10.15 -13.69
N ARG B 157 -14.97 10.38 -13.91
CA ARG B 157 -14.19 9.69 -14.93
C ARG B 157 -13.03 8.92 -14.33
N PRO B 158 -13.04 7.60 -14.36
CA PRO B 158 -12.03 6.85 -13.60
C PRO B 158 -10.68 6.87 -14.29
N LYS B 159 -9.63 6.92 -13.47
CA LYS B 159 -8.29 6.77 -14.01
C LYS B 159 -8.09 5.37 -14.58
N MET B 160 -8.86 4.40 -14.06
CA MET B 160 -8.86 3.02 -14.55
C MET B 160 -7.48 2.38 -14.43
N ARG B 161 -6.86 2.54 -13.27
CA ARG B 161 -5.52 2.02 -13.03
C ARG B 161 -5.52 0.91 -12.00
N LEU B 162 -6.67 0.60 -11.40
CA LEU B 162 -6.75 -0.56 -10.52
C LEU B 162 -6.73 -1.83 -11.36
N ARG B 163 -5.92 -2.80 -10.93
CA ARG B 163 -5.75 -4.06 -11.64
C ARG B 163 -6.12 -5.21 -10.72
N PHE B 164 -6.76 -6.23 -11.27
CA PHE B 164 -7.25 -7.36 -10.48
C PHE B 164 -6.80 -8.71 -11.05
#